data_2RC3
#
_entry.id   2RC3
#
_cell.length_a   53.195
_cell.length_b   95.641
_cell.length_c   99.759
_cell.angle_alpha   90.00
_cell.angle_beta   90.00
_cell.angle_gamma   90.00
#
_symmetry.space_group_name_H-M   'P 21 21 21'
#
loop_
_entity.id
_entity.type
_entity.pdbx_description
1 polymer 'CBS domain'
2 non-polymer 'BROMIDE ION'
3 non-polymer NICOTINAMIDE-ADENINE-DINUCLEOTIDE
4 water water
#
_entity_poly.entity_id   1
_entity_poly.type   'polypeptide(L)'
_entity_poly.pdbx_seq_one_letter_code
;FQGHMKTVKHLLQEKGHTVVAIGPDDSVFNAMQKMAADNIGALLVMKDEKLVGILTERDFSRKSYLLDKPVKDTQVKEIM
TRQVAYVDLNNTNEDCMALITEMRVRHLPVLDDGKVIGLLSIGDLVKDAISQHQF
;
_entity_poly.pdbx_strand_id   A,B,C,D
#
loop_
_chem_comp.id
_chem_comp.type
_chem_comp.name
_chem_comp.formula
BR non-polymer 'BROMIDE ION' 'Br -1'
NAD non-polymer NICOTINAMIDE-ADENINE-DINUCLEOTIDE 'C21 H27 N7 O14 P2'
#
# COMPACT_ATOMS: atom_id res chain seq x y z
N MET A 5 -6.86 -8.01 17.52
CA MET A 5 -6.67 -8.31 16.14
C MET A 5 -7.90 -9.05 15.65
N LYS A 6 -8.48 -8.52 14.59
CA LYS A 6 -9.67 -9.11 13.96
C LYS A 6 -9.43 -9.49 12.51
N THR A 7 -9.99 -10.61 12.09
CA THR A 7 -9.86 -11.02 10.69
C THR A 7 -10.87 -10.28 9.83
N VAL A 8 -10.56 -10.19 8.53
CA VAL A 8 -11.47 -9.63 7.55
C VAL A 8 -12.78 -10.42 7.52
N LYS A 9 -12.68 -11.74 7.70
CA LYS A 9 -13.90 -12.57 7.80
C LYS A 9 -14.82 -12.02 8.88
N HIS A 10 -14.28 -11.78 10.06
CA HIS A 10 -15.09 -11.28 11.17
C HIS A 10 -15.54 -9.82 11.01
N LEU A 11 -14.70 -8.97 10.41
CA LEU A 11 -15.10 -7.58 10.09
C LEU A 11 -16.29 -7.55 9.14
N LEU A 12 -16.26 -8.45 8.16
CA LEU A 12 -17.36 -8.58 7.20
C LEU A 12 -18.63 -9.08 7.87
N GLN A 13 -18.48 -10.02 8.81
CA GLN A 13 -19.63 -10.50 9.57
C GLN A 13 -20.33 -9.37 10.33
N GLU A 14 -19.54 -8.47 10.92
CA GLU A 14 -20.06 -7.32 11.67
C GLU A 14 -20.80 -6.34 10.77
N LYS A 15 -20.28 -6.19 9.55
CA LYS A 15 -20.73 -5.16 8.63
C LYS A 15 -21.84 -5.66 7.70
N GLY A 16 -21.74 -6.90 7.27
CA GLY A 16 -22.62 -7.46 6.25
C GLY A 16 -21.93 -7.85 4.96
N HIS A 17 -22.58 -8.71 4.17
CA HIS A 17 -22.01 -9.26 2.96
C HIS A 17 -22.59 -8.67 1.68
N THR A 18 -23.17 -7.47 1.77
CA THR A 18 -23.67 -6.77 0.59
C THR A 18 -22.51 -6.44 -0.36
N VAL A 19 -22.75 -6.68 -1.64
CA VAL A 19 -21.84 -6.29 -2.71
C VAL A 19 -22.68 -5.50 -3.69
N VAL A 20 -22.48 -4.18 -3.72
CA VAL A 20 -23.18 -3.32 -4.67
C VAL A 20 -22.29 -3.07 -5.88
N ALA A 21 -22.82 -3.44 -7.05
CA ALA A 21 -22.07 -3.52 -8.29
C ALA A 21 -22.71 -2.72 -9.41
N ILE A 22 -21.97 -2.57 -10.50
CA ILE A 22 -22.45 -1.92 -11.71
C ILE A 22 -21.64 -2.49 -12.87
N GLY A 23 -22.19 -2.40 -14.07
CA GLY A 23 -21.46 -2.83 -15.26
C GLY A 23 -20.58 -1.75 -15.85
N PRO A 24 -19.46 -2.14 -16.51
CA PRO A 24 -18.56 -1.16 -17.12
C PRO A 24 -19.20 -0.34 -18.24
N ASP A 25 -20.21 -0.91 -18.90
CA ASP A 25 -20.84 -0.21 -20.02
C ASP A 25 -22.05 0.64 -19.62
N ASP A 26 -22.44 0.58 -18.34
CA ASP A 26 -23.54 1.40 -17.84
C ASP A 26 -23.09 2.88 -17.76
N SER A 27 -24.05 3.78 -17.62
CA SER A 27 -23.73 5.21 -17.54
C SER A 27 -23.23 5.60 -16.16
N VAL A 28 -22.37 6.61 -16.14
CA VAL A 28 -21.95 7.25 -14.90
C VAL A 28 -23.17 7.86 -14.15
N PHE A 29 -24.15 8.39 -14.89
CA PHE A 29 -25.38 8.85 -14.27
C PHE A 29 -26.04 7.76 -13.42
N ASN A 30 -26.24 6.60 -14.02
CA ASN A 30 -26.85 5.49 -13.31
C ASN A 30 -26.01 5.04 -12.12
N ALA A 31 -24.69 5.08 -12.28
CA ALA A 31 -23.76 4.73 -11.21
C ALA A 31 -23.88 5.69 -10.03
N MET A 32 -23.87 7.00 -10.30
CA MET A 32 -23.93 7.97 -9.22
C MET A 32 -25.30 7.98 -8.54
N GLN A 33 -26.35 7.72 -9.33
CA GLN A 33 -27.70 7.54 -8.78
C GLN A 33 -27.77 6.34 -7.82
N LYS A 34 -27.10 5.26 -8.18
CA LYS A 34 -27.04 4.04 -7.37
C LYS A 34 -26.27 4.27 -6.06
N MET A 35 -25.14 4.97 -6.14
CA MET A 35 -24.41 5.33 -4.93
C MET A 35 -25.26 6.19 -3.98
N ALA A 36 -26.02 7.12 -4.56
CA ALA A 36 -26.88 7.99 -3.77
C ALA A 36 -28.00 7.18 -3.12
N ALA A 37 -28.57 6.24 -3.88
CA ALA A 37 -29.69 5.43 -3.40
C ALA A 37 -29.30 4.59 -2.19
N ASP A 38 -28.09 4.05 -2.22
CA ASP A 38 -27.60 3.15 -1.17
C ASP A 38 -26.77 3.89 -0.11
N ASN A 39 -26.60 5.18 -0.31
CA ASN A 39 -25.69 6.03 0.50
C ASN A 39 -24.32 5.38 0.69
N ILE A 40 -23.68 5.14 -0.44
CA ILE A 40 -22.35 4.54 -0.49
C ILE A 40 -21.44 5.37 -1.37
N GLY A 41 -20.14 5.08 -1.32
CA GLY A 41 -19.15 5.82 -2.08
C GLY A 41 -18.35 5.03 -3.10
N ALA A 42 -18.69 3.76 -3.33
CA ALA A 42 -18.00 2.95 -4.32
C ALA A 42 -18.94 1.94 -4.96
N LEU A 43 -18.61 1.50 -6.17
CA LEU A 43 -19.32 0.38 -6.82
C LEU A 43 -18.29 -0.59 -7.38
N LEU A 44 -18.49 -1.88 -7.14
CA LEU A 44 -17.65 -2.87 -7.79
C LEU A 44 -18.08 -2.94 -9.24
N VAL A 45 -17.13 -2.89 -10.16
CA VAL A 45 -17.45 -2.93 -11.58
C VAL A 45 -17.22 -4.35 -12.10
N MET A 46 -18.31 -5.00 -12.49
CA MET A 46 -18.30 -6.42 -12.80
C MET A 46 -18.67 -6.66 -14.24
N LYS A 47 -17.92 -7.54 -14.90
CA LYS A 47 -18.28 -7.94 -16.26
C LYS A 47 -18.04 -9.44 -16.40
N ASP A 48 -19.07 -10.18 -16.79
CA ASP A 48 -18.95 -11.64 -17.00
C ASP A 48 -18.30 -12.32 -15.80
N GLU A 49 -18.76 -11.94 -14.60
CA GLU A 49 -18.25 -12.44 -13.32
C GLU A 49 -16.78 -12.08 -13.02
N LYS A 50 -16.22 -11.16 -13.80
CA LYS A 50 -14.86 -10.68 -13.53
C LYS A 50 -14.90 -9.26 -12.94
N LEU A 51 -14.20 -9.05 -11.82
CA LEU A 51 -14.02 -7.71 -11.26
C LEU A 51 -13.06 -6.93 -12.14
N VAL A 52 -13.59 -5.99 -12.90
CA VAL A 52 -12.79 -5.26 -13.88
C VAL A 52 -12.36 -3.88 -13.39
N GLY A 53 -12.98 -3.44 -12.30
CA GLY A 53 -12.60 -2.16 -11.71
C GLY A 53 -13.44 -1.83 -10.49
N ILE A 54 -13.17 -0.66 -9.92
CA ILE A 54 -13.99 -0.12 -8.84
C ILE A 54 -14.24 1.36 -9.20
N LEU A 55 -15.48 1.81 -9.05
CA LEU A 55 -15.81 3.22 -9.30
C LEU A 55 -16.07 3.91 -7.98
N THR A 56 -15.34 5.00 -7.72
CA THR A 56 -15.45 5.66 -6.42
C THR A 56 -15.88 7.11 -6.57
N GLU A 57 -16.26 7.71 -5.46
CA GLU A 57 -16.55 9.14 -5.43
C GLU A 57 -15.34 9.96 -5.86
N ARG A 58 -14.14 9.48 -5.51
CA ARG A 58 -12.91 10.16 -5.91
C ARG A 58 -12.67 10.05 -7.40
N ASP A 59 -12.93 8.88 -7.99
CA ASP A 59 -12.90 8.74 -9.46
C ASP A 59 -13.78 9.80 -10.09
N PHE A 60 -15.02 9.90 -9.60
CA PHE A 60 -15.98 10.86 -10.13
C PHE A 60 -15.51 12.31 -9.95
N SER A 61 -15.09 12.63 -8.73
N SER A 61 -15.06 12.63 -8.74
CA SER A 61 -14.63 13.98 -8.36
CA SER A 61 -14.66 13.99 -8.38
C SER A 61 -13.44 14.45 -9.18
C SER A 61 -13.37 14.47 -9.04
N ARG A 62 -12.57 13.51 -9.55
CA ARG A 62 -11.30 13.84 -10.22
C ARG A 62 -11.42 13.80 -11.74
N LYS A 63 -12.30 12.95 -12.25
CA LYS A 63 -12.27 12.64 -13.68
C LYS A 63 -13.46 13.14 -14.48
N SER A 64 -14.64 13.14 -13.87
CA SER A 64 -15.88 13.27 -14.65
C SER A 64 -16.05 14.62 -15.34
N TYR A 65 -15.77 15.70 -14.63
CA TYR A 65 -16.00 17.06 -15.16
C TYR A 65 -14.97 17.43 -16.21
N LEU A 66 -13.88 16.67 -16.28
CA LEU A 66 -12.81 16.92 -17.25
C LEU A 66 -13.08 16.28 -18.61
N LEU A 67 -14.15 15.49 -18.68
CA LEU A 67 -14.61 14.91 -19.95
C LEU A 67 -15.62 15.83 -20.61
N ASP A 68 -15.44 16.05 -21.92
CA ASP A 68 -16.28 16.99 -22.65
C ASP A 68 -17.60 16.33 -23.08
N LYS A 69 -18.30 15.79 -22.08
CA LYS A 69 -19.41 14.85 -22.27
C LYS A 69 -20.26 14.86 -20.99
N PRO A 70 -21.61 14.76 -21.11
CA PRO A 70 -22.39 14.70 -19.87
C PRO A 70 -22.37 13.31 -19.22
N VAL A 71 -22.78 13.24 -17.94
CA VAL A 71 -22.71 11.99 -17.17
C VAL A 71 -23.56 10.87 -17.75
N LYS A 72 -24.68 11.23 -18.38
CA LYS A 72 -25.53 10.24 -19.03
C LYS A 72 -24.85 9.66 -20.28
N ASP A 73 -23.87 10.39 -20.81
CA ASP A 73 -23.17 9.96 -22.01
C ASP A 73 -21.76 9.42 -21.76
N THR A 74 -21.42 9.22 -20.48
CA THR A 74 -20.14 8.65 -20.09
C THR A 74 -20.40 7.28 -19.53
N GLN A 75 -19.57 6.31 -19.94
CA GLN A 75 -19.68 4.96 -19.43
C GLN A 75 -18.76 4.79 -18.23
N VAL A 76 -19.14 3.91 -17.32
CA VAL A 76 -18.42 3.68 -16.08
C VAL A 76 -16.95 3.36 -16.35
N LYS A 77 -16.69 2.54 -17.36
CA LYS A 77 -15.32 2.12 -17.69
C LYS A 77 -14.36 3.27 -18.01
N GLU A 78 -14.92 4.40 -18.44
CA GLU A 78 -14.12 5.55 -18.84
C GLU A 78 -13.44 6.19 -17.64
N ILE A 79 -14.05 6.07 -16.46
CA ILE A 79 -13.54 6.75 -15.26
C ILE A 79 -13.27 5.85 -14.06
N MET A 80 -13.60 4.57 -14.16
CA MET A 80 -13.31 3.65 -13.05
C MET A 80 -11.81 3.44 -12.84
N THR A 81 -11.47 3.10 -11.60
CA THR A 81 -10.13 2.61 -11.25
C THR A 81 -10.05 1.16 -11.72
N ARG A 82 -9.08 0.85 -12.58
CA ARG A 82 -8.90 -0.49 -13.12
C ARG A 82 -8.02 -1.42 -12.24
N GLN A 83 -7.05 -0.84 -11.55
CA GLN A 83 -6.15 -1.60 -10.70
C GLN A 83 -6.70 -1.61 -9.29
N VAL A 84 -7.32 -2.71 -8.90
CA VAL A 84 -8.09 -2.78 -7.67
C VAL A 84 -7.28 -3.47 -6.57
N ALA A 85 -6.94 -2.72 -5.53
CA ALA A 85 -6.38 -3.29 -4.30
C ALA A 85 -7.50 -3.97 -3.51
N TYR A 86 -7.23 -5.19 -3.04
CA TYR A 86 -8.22 -5.91 -2.26
C TYR A 86 -7.60 -6.68 -1.09
N VAL A 87 -8.45 -7.26 -0.26
CA VAL A 87 -8.02 -8.08 0.86
C VAL A 87 -8.70 -9.45 0.77
N ASP A 88 -8.15 -10.44 1.47
CA ASP A 88 -8.83 -11.72 1.59
C ASP A 88 -9.28 -11.97 3.04
N LEU A 89 -9.96 -13.10 3.26
CA LEU A 89 -10.60 -13.35 4.54
C LEU A 89 -9.62 -13.47 5.71
N ASN A 90 -8.39 -13.91 5.41
CA ASN A 90 -7.35 -14.07 6.42
C ASN A 90 -6.51 -12.80 6.63
N ASN A 91 -6.76 -11.76 5.84
CA ASN A 91 -6.15 -10.47 6.17
C ASN A 91 -6.79 -9.98 7.47
N THR A 92 -6.18 -8.98 8.10
CA THR A 92 -6.68 -8.49 9.39
C THR A 92 -7.08 -7.01 9.34
N ASN A 93 -7.71 -6.55 10.42
CA ASN A 93 -7.94 -5.11 10.63
C ASN A 93 -6.66 -4.27 10.50
N GLU A 94 -5.56 -4.77 11.05
CA GLU A 94 -4.26 -4.10 10.92
C GLU A 94 -3.86 -3.93 9.45
N ASP A 95 -4.02 -5.00 8.67
CA ASP A 95 -3.74 -4.96 7.23
C ASP A 95 -4.62 -3.92 6.53
N CYS A 96 -5.91 -3.98 6.81
CA CYS A 96 -6.86 -3.03 6.22
C CYS A 96 -6.50 -1.57 6.52
N MET A 97 -6.20 -1.29 7.77
CA MET A 97 -5.85 0.10 8.12
C MET A 97 -4.57 0.58 7.46
N ALA A 98 -3.61 -0.33 7.31
CA ALA A 98 -2.36 0.01 6.61
C ALA A 98 -2.61 0.26 5.13
N LEU A 99 -3.39 -0.60 4.50
CA LEU A 99 -3.65 -0.43 3.09
C LEU A 99 -4.41 0.85 2.82
N ILE A 100 -5.47 1.07 3.59
CA ILE A 100 -6.27 2.28 3.45
C ILE A 100 -5.41 3.53 3.62
N THR A 101 -4.60 3.52 4.68
CA THR A 101 -3.82 4.71 5.05
C THR A 101 -2.65 4.96 4.10
N GLU A 102 -1.87 3.92 3.86
CA GLU A 102 -0.65 4.09 3.05
C GLU A 102 -0.88 4.10 1.55
N MET A 103 -1.83 3.30 1.04
CA MET A 103 -2.22 3.41 -0.37
C MET A 103 -3.09 4.63 -0.63
N ARG A 104 -3.75 5.10 0.43
CA ARG A 104 -4.67 6.24 0.33
C ARG A 104 -5.89 5.85 -0.51
N VAL A 105 -6.52 4.74 -0.13
CA VAL A 105 -7.79 4.31 -0.71
C VAL A 105 -8.82 4.07 0.40
N ARG A 106 -10.08 4.43 0.13
CA ARG A 106 -11.10 4.31 1.16
C ARG A 106 -11.86 2.99 1.17
N HIS A 107 -11.74 2.20 0.10
CA HIS A 107 -12.49 0.95 -0.02
C HIS A 107 -11.57 -0.21 -0.36
N LEU A 108 -11.85 -1.38 0.22
CA LEU A 108 -11.12 -2.62 -0.05
C LEU A 108 -12.15 -3.72 -0.33
N PRO A 109 -12.33 -4.08 -1.61
CA PRO A 109 -13.11 -5.27 -1.87
C PRO A 109 -12.52 -6.48 -1.15
N VAL A 110 -13.36 -7.43 -0.79
CA VAL A 110 -12.92 -8.68 -0.15
C VAL A 110 -13.14 -9.79 -1.16
N LEU A 111 -12.06 -10.49 -1.52
CA LEU A 111 -12.12 -11.60 -2.49
C LEU A 111 -11.86 -12.94 -1.81
N ASP A 112 -12.72 -13.93 -2.08
CA ASP A 112 -12.56 -15.31 -1.61
C ASP A 112 -12.48 -16.24 -2.80
N ASP A 113 -11.28 -16.76 -3.08
CA ASP A 113 -11.11 -17.82 -4.09
C ASP A 113 -11.84 -17.49 -5.39
N GLY A 114 -11.68 -16.24 -5.86
CA GLY A 114 -12.22 -15.80 -7.15
C GLY A 114 -13.54 -15.04 -7.09
N LYS A 115 -14.16 -14.98 -5.91
CA LYS A 115 -15.44 -14.34 -5.76
C LYS A 115 -15.32 -13.09 -4.91
N VAL A 116 -15.96 -12.01 -5.33
CA VAL A 116 -16.08 -10.84 -4.48
C VAL A 116 -17.19 -11.14 -3.50
N ILE A 117 -16.84 -11.17 -2.22
CA ILE A 117 -17.79 -11.59 -1.21
C ILE A 117 -18.19 -10.47 -0.26
N GLY A 118 -17.59 -9.30 -0.45
CA GLY A 118 -17.91 -8.17 0.40
C GLY A 118 -17.04 -6.99 0.11
N LEU A 119 -17.25 -5.92 0.88
CA LEU A 119 -16.41 -4.74 0.75
C LEU A 119 -16.27 -4.13 2.11
N LEU A 120 -15.05 -3.70 2.44
CA LEU A 120 -14.77 -2.96 3.67
C LEU A 120 -14.29 -1.55 3.33
N SER A 121 -14.77 -0.57 4.08
CA SER A 121 -14.33 0.81 3.86
C SER A 121 -13.72 1.40 5.11
N ILE A 122 -13.11 2.59 4.94
CA ILE A 122 -12.52 3.29 6.06
C ILE A 122 -13.49 3.52 7.20
N GLY A 123 -14.73 3.85 6.87
CA GLY A 123 -15.78 4.03 7.89
C GLY A 123 -16.07 2.76 8.70
N ASP A 124 -15.99 1.59 8.06
CA ASP A 124 -16.17 0.32 8.76
C ASP A 124 -15.10 0.13 9.79
N LEU A 125 -13.86 0.47 9.42
CA LEU A 125 -12.72 0.28 10.32
C LEU A 125 -12.82 1.24 11.51
N VAL A 126 -13.23 2.47 11.25
CA VAL A 126 -13.45 3.43 12.33
C VAL A 126 -14.57 2.96 13.26
N LYS A 127 -15.70 2.51 12.69
CA LYS A 127 -16.83 2.06 13.48
C LYS A 127 -16.47 0.89 14.37
N ASP A 128 -15.80 -0.11 13.80
CA ASP A 128 -15.35 -1.29 14.56
C ASP A 128 -14.43 -0.89 15.72
N ALA A 129 -13.50 0.03 15.45
CA ALA A 129 -12.55 0.49 16.48
C ALA A 129 -13.24 1.16 17.67
N ILE A 130 -14.26 1.96 17.40
CA ILE A 130 -14.95 2.70 18.46
C ILE A 130 -16.14 1.96 19.09
N SER A 131 -16.46 0.76 18.59
CA SER A 131 -17.56 -0.04 19.14
C SER A 131 -17.10 -0.97 20.25
N HIS B 4 13.44 13.27 6.76
CA HIS B 4 12.86 14.26 5.81
C HIS B 4 11.82 13.59 4.89
N MET B 5 10.64 14.18 4.79
CA MET B 5 9.58 13.62 3.94
C MET B 5 9.83 13.92 2.46
N LYS B 6 9.71 12.87 1.65
CA LYS B 6 10.00 12.91 0.22
C LYS B 6 8.76 12.33 -0.45
N THR B 7 8.37 12.88 -1.60
CA THR B 7 7.30 12.26 -2.37
C THR B 7 7.83 11.05 -3.17
N VAL B 8 6.91 10.15 -3.52
CA VAL B 8 7.24 9.04 -4.43
C VAL B 8 7.79 9.58 -5.75
N LYS B 9 7.21 10.66 -6.24
CA LYS B 9 7.70 11.32 -7.46
C LYS B 9 9.20 11.64 -7.34
N HIS B 10 9.59 12.21 -6.20
CA HIS B 10 11.01 12.50 -5.98
C HIS B 10 11.86 11.24 -5.84
N LEU B 11 11.35 10.24 -5.13
CA LEU B 11 12.05 8.96 -5.04
C LEU B 11 12.31 8.31 -6.39
N LEU B 12 11.36 8.46 -7.32
CA LEU B 12 11.52 7.92 -8.66
C LEU B 12 12.54 8.73 -9.45
N GLN B 13 12.61 10.03 -9.20
CA GLN B 13 13.63 10.86 -9.83
C GLN B 13 15.04 10.43 -9.38
N GLU B 14 15.18 10.14 -8.09
CA GLU B 14 16.45 9.66 -7.55
C GLU B 14 16.88 8.32 -8.16
N LYS B 15 15.92 7.40 -8.23
CA LYS B 15 16.17 6.00 -8.56
C LYS B 15 16.10 5.69 -10.07
N GLY B 16 15.25 6.41 -10.78
CA GLY B 16 14.99 6.12 -12.20
C GLY B 16 13.58 5.64 -12.45
N HIS B 17 13.17 5.70 -13.72
CA HIS B 17 11.78 5.44 -14.10
C HIS B 17 11.60 4.15 -14.86
N THR B 18 12.60 3.27 -14.80
CA THR B 18 12.53 1.99 -15.50
C THR B 18 11.39 1.15 -14.92
N VAL B 19 10.72 0.41 -15.80
CA VAL B 19 9.69 -0.54 -15.44
C VAL B 19 10.06 -1.84 -16.15
N VAL B 20 10.54 -2.81 -15.39
CA VAL B 20 10.87 -4.10 -15.99
C VAL B 20 9.70 -5.06 -15.83
N ALA B 21 9.19 -5.54 -16.96
CA ALA B 21 7.99 -6.37 -16.99
C ALA B 21 8.25 -7.74 -17.58
N ILE B 22 7.23 -8.58 -17.48
CA ILE B 22 7.20 -9.89 -18.09
C ILE B 22 5.73 -10.20 -18.38
N GLY B 23 5.46 -11.11 -19.30
CA GLY B 23 4.08 -11.48 -19.57
C GLY B 23 3.60 -12.66 -18.73
N PRO B 24 2.29 -12.72 -18.43
CA PRO B 24 1.82 -13.81 -17.58
C PRO B 24 1.95 -15.20 -18.21
N ASP B 25 2.00 -15.26 -19.55
CA ASP B 25 2.13 -16.54 -20.23
C ASP B 25 3.59 -16.98 -20.49
N ASP B 26 4.54 -16.15 -20.12
CA ASP B 26 5.94 -16.51 -20.29
C ASP B 26 6.33 -17.58 -19.26
N SER B 27 7.45 -18.25 -19.49
CA SER B 27 7.93 -19.27 -18.59
C SER B 27 8.53 -18.65 -17.35
N VAL B 28 8.44 -19.37 -16.24
CA VAL B 28 9.15 -18.92 -15.03
C VAL B 28 10.68 -18.91 -15.29
N PHE B 29 11.18 -19.83 -16.11
CA PHE B 29 12.57 -19.79 -16.54
C PHE B 29 12.95 -18.42 -17.15
N ASN B 30 12.21 -17.99 -18.16
CA ASN B 30 12.46 -16.68 -18.74
C ASN B 30 12.34 -15.53 -17.73
N ALA B 31 11.42 -15.65 -16.79
CA ALA B 31 11.26 -14.62 -15.75
C ALA B 31 12.51 -14.54 -14.88
N MET B 32 12.97 -15.68 -14.37
CA MET B 32 14.08 -15.67 -13.45
C MET B 32 15.38 -15.27 -14.16
N GLN B 33 15.51 -15.68 -15.42
CA GLN B 33 16.63 -15.21 -16.26
C GLN B 33 16.65 -13.69 -16.43
N LYS B 34 15.48 -13.07 -16.60
CA LYS B 34 15.39 -11.62 -16.73
C LYS B 34 15.71 -10.91 -15.41
N MET B 35 15.26 -11.48 -14.30
CA MET B 35 15.62 -10.92 -12.99
C MET B 35 17.13 -10.96 -12.80
N ALA B 36 17.76 -12.04 -13.26
CA ALA B 36 19.22 -12.22 -13.15
C ALA B 36 19.96 -11.21 -14.03
N ALA B 37 19.49 -11.06 -15.26
CA ALA B 37 20.13 -10.14 -16.21
C ALA B 37 20.10 -8.70 -15.73
N ASP B 38 19.01 -8.33 -15.06
CA ASP B 38 18.83 -6.95 -14.61
C ASP B 38 19.21 -6.76 -13.14
N ASN B 39 19.57 -7.86 -12.48
CA ASN B 39 19.84 -7.88 -11.04
C ASN B 39 18.74 -7.22 -10.23
N ILE B 40 17.53 -7.73 -10.42
CA ILE B 40 16.36 -7.24 -9.69
C ILE B 40 15.63 -8.42 -9.06
N GLY B 41 14.63 -8.11 -8.24
CA GLY B 41 13.89 -9.17 -7.55
C GLY B 41 12.39 -9.16 -7.75
N ALA B 42 11.91 -8.37 -8.71
CA ALA B 42 10.51 -8.41 -9.08
C ALA B 42 10.35 -8.09 -10.56
N LEU B 43 9.25 -8.56 -11.12
CA LEU B 43 8.84 -8.20 -12.46
C LEU B 43 7.36 -7.84 -12.42
N LEU B 44 7.01 -6.72 -13.05
CA LEU B 44 5.60 -6.36 -13.22
C LEU B 44 5.03 -7.28 -14.27
N VAL B 45 3.92 -7.94 -13.96
CA VAL B 45 3.33 -8.89 -14.90
C VAL B 45 2.27 -8.15 -15.69
N MET B 46 2.57 -7.91 -16.96
CA MET B 46 1.75 -7.03 -17.81
C MET B 46 1.14 -7.82 -18.97
N LYS B 47 -0.12 -7.54 -19.23
CA LYS B 47 -0.83 -8.11 -20.38
C LYS B 47 -1.70 -7.01 -20.98
N ASP B 48 -1.47 -6.70 -22.25
CA ASP B 48 -2.25 -5.70 -22.98
C ASP B 48 -2.37 -4.35 -22.24
N GLU B 49 -1.22 -3.85 -21.77
CA GLU B 49 -1.14 -2.61 -20.99
C GLU B 49 -1.81 -2.66 -19.60
N LYS B 50 -2.23 -3.85 -19.18
CA LYS B 50 -2.84 -4.06 -17.86
C LYS B 50 -1.86 -4.80 -16.93
N LEU B 51 -1.78 -4.33 -15.68
CA LEU B 51 -0.98 -5.02 -14.67
C LEU B 51 -1.84 -6.13 -14.07
N VAL B 52 -1.47 -7.38 -14.37
CA VAL B 52 -2.24 -8.52 -13.89
C VAL B 52 -1.64 -9.12 -12.62
N GLY B 53 -0.43 -8.70 -12.26
CA GLY B 53 0.20 -9.24 -11.07
C GLY B 53 1.64 -8.77 -10.94
N ILE B 54 2.32 -9.28 -9.92
CA ILE B 54 3.74 -9.05 -9.73
C ILE B 54 4.40 -10.39 -9.42
N LEU B 55 5.56 -10.64 -10.02
CA LEU B 55 6.31 -11.86 -9.75
C LEU B 55 7.55 -11.48 -8.98
N THR B 56 7.74 -12.09 -7.82
CA THR B 56 8.85 -11.71 -6.94
C THR B 56 9.75 -12.91 -6.61
N GLU B 57 10.95 -12.62 -6.08
CA GLU B 57 11.81 -13.66 -5.57
C GLU B 57 11.11 -14.47 -4.47
N ARG B 58 10.26 -13.82 -3.69
CA ARG B 58 9.52 -14.53 -2.65
C ARG B 58 8.48 -15.49 -3.24
N ASP B 59 7.79 -15.09 -4.31
CA ASP B 59 6.91 -16.03 -5.03
C ASP B 59 7.71 -17.24 -5.46
N PHE B 60 8.86 -16.97 -6.07
CA PHE B 60 9.70 -18.06 -6.54
C PHE B 60 10.14 -18.96 -5.40
N SER B 61 10.60 -18.34 -4.30
N SER B 61 10.59 -18.35 -4.30
CA SER B 61 11.14 -19.07 -3.17
CA SER B 61 11.14 -19.11 -3.19
C SER B 61 10.09 -19.90 -2.45
C SER B 61 10.10 -19.88 -2.39
N ARG B 62 8.84 -19.41 -2.41
CA ARG B 62 7.76 -20.06 -1.66
C ARG B 62 6.96 -21.04 -2.47
N LYS B 63 6.96 -20.87 -3.79
CA LYS B 63 6.02 -21.63 -4.62
C LYS B 63 6.63 -22.57 -5.66
N SER B 64 7.78 -22.21 -6.24
CA SER B 64 8.20 -22.87 -7.48
C SER B 64 8.49 -24.37 -7.38
N TYR B 65 9.28 -24.74 -6.40
CA TYR B 65 9.78 -26.10 -6.28
C TYR B 65 8.69 -27.07 -5.82
N LEU B 66 7.68 -26.55 -5.13
CA LEU B 66 6.59 -27.42 -4.68
C LEU B 66 5.88 -28.08 -5.86
N LEU B 67 5.58 -27.29 -6.89
CA LEU B 67 4.87 -27.76 -8.09
C LEU B 67 5.54 -28.95 -8.80
N LYS B 69 7.54 -30.40 -11.59
CA LYS B 69 7.44 -29.65 -12.84
C LYS B 69 8.54 -28.59 -12.88
N PRO B 70 9.48 -28.68 -13.85
CA PRO B 70 10.59 -27.73 -13.95
C PRO B 70 10.16 -26.31 -14.35
N VAL B 71 11.04 -25.33 -14.11
CA VAL B 71 10.70 -23.92 -14.30
C VAL B 71 10.41 -23.55 -15.75
N LYS B 72 10.97 -24.31 -16.70
CA LYS B 72 10.64 -24.09 -18.11
C LYS B 72 9.20 -24.48 -18.44
N ASP B 73 8.61 -25.38 -17.65
CA ASP B 73 7.24 -25.86 -17.87
C ASP B 73 6.20 -25.22 -16.95
N THR B 74 6.58 -24.11 -16.29
CA THR B 74 5.69 -23.37 -15.41
C THR B 74 5.54 -21.95 -15.96
N GLN B 75 4.30 -21.49 -16.07
CA GLN B 75 4.04 -20.13 -16.54
C GLN B 75 4.00 -19.12 -15.41
N VAL B 76 4.40 -17.89 -15.72
CA VAL B 76 4.49 -16.83 -14.71
C VAL B 76 3.19 -16.71 -13.90
N LYS B 77 2.06 -16.75 -14.60
CA LYS B 77 0.74 -16.60 -13.96
C LYS B 77 0.46 -17.64 -12.86
N GLU B 78 1.10 -18.81 -12.94
CA GLU B 78 0.88 -19.89 -11.97
C GLU B 78 1.39 -19.53 -10.58
N ILE B 79 2.41 -18.67 -10.53
CA ILE B 79 3.03 -18.36 -9.26
C ILE B 79 3.10 -16.86 -8.90
N MET B 80 2.64 -15.98 -9.79
CA MET B 80 2.69 -14.54 -9.52
C MET B 80 1.73 -14.19 -8.38
N THR B 81 2.03 -13.07 -7.72
CA THR B 81 1.16 -12.49 -6.70
C THR B 81 0.13 -11.61 -7.40
N ARG B 82 -1.15 -11.81 -7.08
CA ARG B 82 -2.26 -11.10 -7.73
C ARG B 82 -2.81 -9.98 -6.82
N GLN B 83 -2.57 -10.12 -5.53
CA GLN B 83 -2.97 -9.10 -4.58
C GLN B 83 -1.82 -8.11 -4.44
N VAL B 84 -1.88 -7.04 -5.23
CA VAL B 84 -0.77 -6.10 -5.40
C VAL B 84 -1.05 -4.76 -4.73
N ALA B 85 -0.26 -4.44 -3.70
CA ALA B 85 -0.23 -3.11 -3.12
C ALA B 85 0.57 -2.20 -4.04
N TYR B 86 0.09 -0.98 -4.22
CA TYR B 86 0.80 -0.02 -5.05
C TYR B 86 0.60 1.40 -4.56
N VAL B 87 1.46 2.29 -5.04
CA VAL B 87 1.41 3.69 -4.62
C VAL B 87 1.34 4.60 -5.85
N ASP B 88 1.13 5.89 -5.62
CA ASP B 88 1.19 6.84 -6.73
C ASP B 88 2.11 8.01 -6.39
N LEU B 89 2.15 9.00 -7.27
CA LEU B 89 3.19 10.03 -7.19
C LEU B 89 3.15 10.87 -5.93
N ASN B 90 1.95 11.13 -5.40
CA ASN B 90 1.82 11.95 -4.18
C ASN B 90 1.98 11.19 -2.86
N ASN B 91 2.01 9.85 -2.92
CA ASN B 91 2.41 9.09 -1.75
C ASN B 91 3.80 9.54 -1.29
N THR B 92 4.13 9.22 -0.04
CA THR B 92 5.42 9.63 0.51
C THR B 92 6.34 8.45 0.84
N ASN B 93 7.61 8.75 1.07
CA ASN B 93 8.56 7.74 1.54
C ASN B 93 8.08 7.09 2.85
N GLU B 94 7.44 7.89 3.71
CA GLU B 94 6.90 7.40 4.97
C GLU B 94 5.80 6.36 4.72
N ASP B 95 4.90 6.68 3.78
CA ASP B 95 3.83 5.76 3.37
C ASP B 95 4.43 4.44 2.90
N CYS B 96 5.48 4.55 2.08
CA CYS B 96 6.10 3.38 1.45
C CYS B 96 6.73 2.48 2.51
N MET B 97 7.50 3.07 3.42
CA MET B 97 8.16 2.29 4.47
C MET B 97 7.16 1.62 5.40
N ALA B 98 6.08 2.33 5.71
CA ALA B 98 5.04 1.77 6.57
C ALA B 98 4.35 0.59 5.89
N LEU B 99 4.02 0.76 4.62
CA LEU B 99 3.29 -0.28 3.88
C LEU B 99 4.18 -1.52 3.67
N ILE B 100 5.41 -1.28 3.22
CA ILE B 100 6.38 -2.36 3.05
C ILE B 100 6.52 -3.17 4.36
N THR B 101 6.61 -2.45 5.48
CA THR B 101 6.77 -3.08 6.79
C THR B 101 5.54 -3.86 7.22
N GLU B 102 4.36 -3.25 7.14
CA GLU B 102 3.18 -3.91 7.67
C GLU B 102 2.73 -5.07 6.80
N MET B 103 2.77 -4.88 5.47
CA MET B 103 2.28 -5.90 4.54
C MET B 103 3.34 -6.92 4.16
N ARG B 104 4.58 -6.67 4.58
CA ARG B 104 5.70 -7.56 4.34
C ARG B 104 5.89 -7.80 2.84
N VAL B 105 5.86 -6.71 2.09
CA VAL B 105 6.12 -6.76 0.65
C VAL B 105 7.30 -5.84 0.38
N ARG B 106 8.24 -6.31 -0.44
CA ARG B 106 9.45 -5.55 -0.71
C ARG B 106 9.36 -4.59 -1.88
N HIS B 107 8.30 -4.71 -2.70
CA HIS B 107 8.16 -3.90 -3.90
C HIS B 107 6.79 -3.26 -4.00
N LEU B 108 6.77 -2.02 -4.47
CA LEU B 108 5.54 -1.28 -4.70
C LEU B 108 5.56 -0.68 -6.11
N PRO B 109 4.73 -1.22 -7.01
CA PRO B 109 4.53 -0.54 -8.28
C PRO B 109 4.03 0.89 -8.04
N VAL B 110 4.43 1.81 -8.91
CA VAL B 110 3.94 3.20 -8.86
C VAL B 110 3.04 3.38 -10.08
N LEU B 111 1.78 3.74 -9.84
CA LEU B 111 0.83 3.98 -10.92
C LEU B 111 0.48 5.45 -11.00
N ASP B 112 0.29 5.93 -12.23
CA ASP B 112 -0.14 7.29 -12.48
C ASP B 112 -1.18 7.21 -13.56
N ASP B 113 -2.36 7.74 -13.27
CA ASP B 113 -3.53 7.63 -14.17
C ASP B 113 -3.78 6.17 -14.60
N GLY B 114 -3.55 5.22 -13.69
CA GLY B 114 -3.75 3.79 -13.97
C GLY B 114 -2.71 3.17 -14.91
N LYS B 115 -1.61 3.89 -15.15
CA LYS B 115 -0.51 3.38 -15.96
C LYS B 115 0.65 3.12 -15.00
N VAL B 116 1.35 1.99 -15.16
CA VAL B 116 2.54 1.72 -14.33
C VAL B 116 3.70 2.57 -14.82
N ILE B 117 4.18 3.47 -13.98
CA ILE B 117 5.21 4.43 -14.37
C ILE B 117 6.54 4.26 -13.62
N GLY B 118 6.60 3.28 -12.72
CA GLY B 118 7.82 3.07 -11.96
C GLY B 118 7.62 1.97 -10.94
N LEU B 119 8.69 1.68 -10.21
CA LEU B 119 8.63 0.69 -9.14
C LEU B 119 9.61 1.12 -8.05
N LEU B 120 9.15 1.06 -6.80
CA LEU B 120 10.03 1.34 -5.66
C LEU B 120 10.15 0.08 -4.84
N SER B 121 11.34 -0.12 -4.28
CA SER B 121 11.59 -1.30 -3.44
C SER B 121 12.10 -0.86 -2.08
N ILE B 122 12.13 -1.81 -1.15
CA ILE B 122 12.65 -1.55 0.19
C ILE B 122 14.06 -0.95 0.13
N GLY B 123 14.91 -1.47 -0.78
CA GLY B 123 16.27 -0.97 -0.94
C GLY B 123 16.34 0.48 -1.42
N ASP B 124 15.38 0.90 -2.26
CA ASP B 124 15.33 2.31 -2.67
C ASP B 124 15.09 3.21 -1.46
N LEU B 125 14.20 2.78 -0.60
CA LEU B 125 13.86 3.57 0.58
C LEU B 125 15.03 3.64 1.56
N VAL B 126 15.74 2.52 1.75
CA VAL B 126 16.91 2.51 2.64
C VAL B 126 18.01 3.41 2.08
N LYS B 127 18.23 3.36 0.77
CA LYS B 127 19.28 4.15 0.14
C LYS B 127 18.96 5.64 0.25
N ASP B 128 17.69 5.98 0.07
CA ASP B 128 17.25 7.36 0.26
C ASP B 128 17.44 7.81 1.70
N ALA B 129 17.16 6.91 2.65
CA ALA B 129 17.22 7.22 4.08
C ALA B 129 18.63 7.58 4.54
N ILE B 130 19.64 6.93 3.97
CA ILE B 130 21.02 7.14 4.42
C ILE B 130 21.74 8.27 3.67
N SER B 131 21.09 8.82 2.64
CA SER B 131 21.65 9.95 1.91
C SER B 131 21.49 11.25 2.70
N HIS C 4 19.12 9.35 15.98
CA HIS C 4 18.80 8.23 15.04
C HIS C 4 19.75 7.06 15.26
N MET C 5 20.99 7.37 15.64
CA MET C 5 22.06 6.38 15.80
C MET C 5 21.78 5.39 16.93
N LYS C 6 21.90 4.10 16.62
CA LYS C 6 21.66 3.01 17.57
C LYS C 6 22.68 1.89 17.31
N THR C 7 23.11 1.21 18.37
CA THR C 7 24.08 0.10 18.21
C THR C 7 23.39 -1.20 17.81
N VAL C 8 24.15 -2.08 17.15
CA VAL C 8 23.69 -3.45 16.87
C VAL C 8 23.19 -4.17 18.14
N LYS C 9 23.91 -4.04 19.26
CA LYS C 9 23.50 -4.65 20.52
C LYS C 9 22.05 -4.26 20.85
N HIS C 10 21.75 -2.97 20.75
CA HIS C 10 20.40 -2.49 20.99
C HIS C 10 19.37 -2.90 19.94
N LEU C 11 19.83 -3.04 18.69
CA LEU C 11 18.93 -3.51 17.63
C LEU C 11 18.52 -4.95 17.88
N LEU C 12 19.47 -5.77 18.33
CA LEU C 12 19.21 -7.15 18.69
C LEU C 12 18.30 -7.27 19.90
N GLN C 13 18.48 -6.37 20.86
CA GLN C 13 17.62 -6.39 22.05
C GLN C 13 16.17 -6.21 21.63
N GLU C 14 15.93 -5.30 20.69
CA GLU C 14 14.60 -5.04 20.15
C GLU C 14 14.05 -6.27 19.44
N LYS C 15 14.86 -6.84 18.55
CA LYS C 15 14.45 -7.86 17.61
C LYS C 15 14.55 -9.28 18.20
N GLY C 16 15.46 -9.47 19.14
CA GLY C 16 15.72 -10.79 19.70
C GLY C 16 16.92 -11.46 19.07
N HIS C 17 17.46 -12.45 19.76
CA HIS C 17 18.70 -13.10 19.39
C HIS C 17 18.52 -14.42 18.67
N THR C 18 17.29 -14.79 18.33
CA THR C 18 17.04 -16.09 17.68
C THR C 18 17.79 -16.15 16.36
N VAL C 19 18.39 -17.30 16.10
CA VAL C 19 19.07 -17.55 14.84
C VAL C 19 18.49 -18.83 14.29
N VAL C 20 18.07 -18.78 13.02
CA VAL C 20 17.59 -19.97 12.34
C VAL C 20 18.66 -20.43 11.36
N ALA C 21 19.03 -21.69 11.49
CA ALA C 21 20.18 -22.27 10.80
C ALA C 21 19.82 -23.55 10.07
N ILE C 22 20.75 -23.99 9.24
CA ILE C 22 20.68 -25.27 8.57
C ILE C 22 22.11 -25.76 8.32
N GLY C 23 22.29 -27.06 8.12
CA GLY C 23 23.61 -27.61 7.78
C GLY C 23 23.92 -27.61 6.28
N PRO C 24 25.21 -27.59 5.92
CA PRO C 24 25.61 -27.48 4.51
C PRO C 24 25.24 -28.68 3.65
N ASP C 25 25.11 -29.86 4.27
CA ASP C 25 24.77 -31.10 3.54
C ASP C 25 23.26 -31.37 3.48
N ASP C 26 22.46 -30.51 4.10
CA ASP C 26 20.99 -30.67 4.03
C ASP C 26 20.49 -30.31 2.64
N SER C 27 19.26 -30.66 2.33
CA SER C 27 18.74 -30.44 0.99
C SER C 27 18.20 -29.02 0.85
N VAL C 28 18.30 -28.48 -0.37
CA VAL C 28 17.69 -27.19 -0.64
C VAL C 28 16.16 -27.24 -0.44
N PHE C 29 15.55 -28.40 -0.71
CA PHE C 29 14.13 -28.55 -0.42
C PHE C 29 13.81 -28.28 1.05
N ASN C 30 14.55 -28.92 1.95
CA ASN C 30 14.37 -28.72 3.37
C ASN C 30 14.62 -27.28 3.80
N ALA C 31 15.65 -26.67 3.22
CA ALA C 31 15.96 -25.28 3.46
C ALA C 31 14.79 -24.35 3.12
N MET C 32 14.27 -24.49 1.90
CA MET C 32 13.23 -23.58 1.43
C MET C 32 11.91 -23.83 2.20
N GLN C 33 11.69 -25.09 2.60
CA GLN C 33 10.53 -25.44 3.43
C GLN C 33 10.61 -24.75 4.79
N LYS C 34 11.81 -24.76 5.36
CA LYS C 34 12.09 -24.09 6.62
C LYS C 34 11.91 -22.57 6.51
N MET C 35 12.47 -21.97 5.48
CA MET C 35 12.27 -20.52 5.30
C MET C 35 10.78 -20.17 5.21
N ALA C 36 10.03 -20.94 4.43
CA ALA C 36 8.58 -20.71 4.32
C ALA C 36 7.87 -20.86 5.66
N ALA C 37 8.19 -21.91 6.41
CA ALA C 37 7.54 -22.17 7.70
C ALA C 37 7.79 -21.03 8.70
N ASP C 38 9.03 -20.56 8.75
CA ASP C 38 9.44 -19.50 9.69
C ASP C 38 9.15 -18.09 9.20
N ASN C 39 8.70 -17.99 7.94
N ASN C 39 8.74 -17.98 7.94
CA ASN C 39 8.45 -16.71 7.28
CA ASN C 39 8.46 -16.68 7.31
C ASN C 39 9.71 -15.85 7.30
C ASN C 39 9.69 -15.79 7.19
N ILE C 40 10.79 -16.41 6.77
CA ILE C 40 12.08 -15.72 6.67
C ILE C 40 12.68 -15.89 5.29
N GLY C 41 13.76 -15.14 5.05
CA GLY C 41 14.44 -15.12 3.75
C GLY C 41 15.89 -15.56 3.74
N ALA C 42 16.38 -16.03 4.90
CA ALA C 42 17.76 -16.52 4.98
C ALA C 42 17.88 -17.62 6.03
N LEU C 43 18.87 -18.48 5.82
CA LEU C 43 19.29 -19.45 6.84
C LEU C 43 20.80 -19.32 6.99
N LEU C 44 21.27 -19.23 8.23
CA LEU C 44 22.69 -19.33 8.52
C LEU C 44 23.13 -20.76 8.30
N VAL C 45 24.22 -20.97 7.58
CA VAL C 45 24.69 -22.34 7.35
C VAL C 45 25.85 -22.60 8.29
N MET C 46 25.63 -23.54 9.21
CA MET C 46 26.54 -23.77 10.34
C MET C 46 27.14 -25.17 10.34
N LYS C 47 28.37 -25.25 10.83
CA LYS C 47 29.03 -26.52 11.01
C LYS C 47 30.01 -26.31 12.16
N ASP C 48 29.77 -27.00 13.27
CA ASP C 48 30.64 -26.92 14.45
C ASP C 48 30.86 -25.49 14.95
N GLU C 49 29.76 -24.79 15.20
CA GLU C 49 29.73 -23.40 15.69
C GLU C 49 30.36 -22.38 14.73
N LYS C 50 30.76 -22.82 13.54
CA LYS C 50 31.33 -21.93 12.53
C LYS C 50 30.32 -21.63 11.44
N LEU C 51 30.23 -20.35 11.09
CA LEU C 51 29.34 -19.89 10.02
C LEU C 51 30.03 -20.14 8.69
N VAL C 52 29.63 -21.19 7.99
CA VAL C 52 30.28 -21.57 6.72
C VAL C 52 29.60 -20.96 5.49
N GLY C 53 28.40 -20.42 5.69
CA GLY C 53 27.71 -19.78 4.58
C GLY C 53 26.40 -19.18 5.05
N ILE C 54 25.73 -18.48 4.15
CA ILE C 54 24.37 -18.05 4.40
C ILE C 54 23.57 -18.42 3.15
N LEU C 55 22.40 -19.00 3.34
CA LEU C 55 21.54 -19.33 2.19
C LEU C 55 20.37 -18.38 2.16
N THR C 56 20.16 -17.71 1.02
CA THR C 56 19.17 -16.64 0.96
C THR C 56 18.17 -16.89 -0.16
N GLU C 57 17.05 -16.19 -0.12
CA GLU C 57 16.10 -16.25 -1.23
C GLU C 57 16.75 -15.86 -2.56
N ARG C 58 17.71 -14.93 -2.53
CA ARG C 58 18.42 -14.53 -3.75
C ARG C 58 19.35 -15.65 -4.29
N ASP C 59 20.06 -16.35 -3.41
CA ASP C 59 20.82 -17.54 -3.80
C ASP C 59 19.90 -18.51 -4.53
N PHE C 60 18.74 -18.79 -3.96
CA PHE C 60 17.79 -19.72 -4.56
C PHE C 60 17.31 -19.21 -5.92
N SER C 61 16.95 -17.93 -5.97
N SER C 61 16.97 -17.93 -5.99
CA SER C 61 16.38 -17.31 -7.17
CA SER C 61 16.38 -17.37 -7.20
C SER C 61 17.36 -17.28 -8.33
C SER C 61 17.35 -17.20 -8.36
N ARG C 62 18.64 -17.10 -8.03
CA ARG C 62 19.66 -16.94 -9.07
C ARG C 62 20.33 -18.25 -9.48
N LYS C 63 20.40 -19.20 -8.56
CA LYS C 63 21.27 -20.37 -8.77
C LYS C 63 20.54 -21.68 -8.93
N SER C 64 19.42 -21.85 -8.24
CA SER C 64 18.86 -23.22 -8.07
C SER C 64 18.45 -23.88 -9.38
N TYR C 65 17.76 -23.13 -10.24
CA TYR C 65 17.15 -23.72 -11.44
C TYR C 65 18.17 -23.99 -12.56
N LEU C 66 19.34 -23.35 -12.48
CA LEU C 66 20.41 -23.52 -13.46
C LEU C 66 21.27 -24.77 -13.23
N LEU C 67 21.10 -25.42 -12.08
CA LEU C 67 21.77 -26.70 -11.81
C LEU C 67 21.01 -27.83 -12.51
N ASP C 68 21.73 -28.91 -12.84
CA ASP C 68 21.10 -30.05 -13.52
C ASP C 68 20.67 -31.12 -12.51
N LYS C 69 19.80 -30.74 -11.58
CA LYS C 69 19.36 -31.59 -10.50
C LYS C 69 18.15 -30.93 -9.84
N PRO C 70 17.26 -31.73 -9.31
CA PRO C 70 16.09 -31.20 -8.58
C PRO C 70 16.46 -30.65 -7.18
N VAL C 71 15.55 -29.84 -6.62
CA VAL C 71 15.78 -29.19 -5.32
C VAL C 71 15.96 -30.21 -4.18
N LYS C 72 15.22 -31.32 -4.20
CA LYS C 72 15.42 -32.39 -3.22
C LYS C 72 16.78 -33.08 -3.33
N ASP C 73 17.44 -32.89 -4.47
CA ASP C 73 18.70 -33.55 -4.75
C ASP C 73 19.86 -32.54 -4.81
N THR C 74 19.61 -31.33 -4.32
CA THR C 74 20.64 -30.30 -4.25
C THR C 74 20.92 -30.05 -2.78
N GLN C 75 22.21 -30.01 -2.41
CA GLN C 75 22.62 -29.65 -1.06
C GLN C 75 22.76 -28.14 -0.90
N VAL C 76 22.49 -27.68 0.32
CA VAL C 76 22.55 -26.26 0.66
C VAL C 76 23.90 -25.66 0.25
N LYS C 77 24.99 -26.39 0.50
CA LYS C 77 26.33 -25.89 0.20
C LYS C 77 26.56 -25.59 -1.28
N GLU C 78 25.80 -26.24 -2.18
CA GLU C 78 25.94 -26.04 -3.62
C GLU C 78 25.52 -24.64 -4.08
N ILE C 79 24.63 -23.99 -3.31
CA ILE C 79 24.10 -22.68 -3.69
C ILE C 79 24.22 -21.58 -2.63
N MET C 80 24.70 -21.93 -1.44
CA MET C 80 24.85 -20.92 -0.40
C MET C 80 25.92 -19.90 -0.76
N THR C 81 25.81 -18.71 -0.17
CA THR C 81 26.87 -17.70 -0.20
C THR C 81 27.94 -18.10 0.83
N ARG C 82 29.19 -18.24 0.39
CA ARG C 82 30.27 -18.71 1.29
C ARG C 82 31.02 -17.58 1.97
N GLN C 83 31.15 -16.46 1.27
CA GLN C 83 31.91 -15.34 1.79
C GLN C 83 30.91 -14.39 2.44
N VAL C 84 30.64 -14.62 3.72
CA VAL C 84 29.49 -13.99 4.37
C VAL C 84 29.85 -12.63 4.99
N ALA C 85 29.11 -11.61 4.56
CA ALA C 85 29.20 -10.28 5.18
C ALA C 85 28.47 -10.28 6.51
N TYR C 86 29.08 -9.69 7.53
CA TYR C 86 28.45 -9.66 8.85
C TYR C 86 28.78 -8.37 9.59
N VAL C 87 28.13 -8.18 10.74
CA VAL C 87 28.44 -7.06 11.64
C VAL C 87 28.72 -7.53 13.06
N ASP C 88 29.22 -6.61 13.88
CA ASP C 88 29.43 -6.90 15.29
C ASP C 88 28.62 -5.94 16.15
N LEU C 89 28.65 -6.15 17.47
CA LEU C 89 27.75 -5.44 18.41
C LEU C 89 27.97 -3.94 18.51
N ASN C 90 29.16 -3.52 18.10
CA ASN C 90 29.59 -2.12 18.11
C ASN C 90 29.22 -1.34 16.85
N ASN C 91 29.02 -2.05 15.73
CA ASN C 91 28.47 -1.41 14.53
C ASN C 91 27.16 -0.70 14.87
N THR C 92 26.77 0.26 14.04
CA THR C 92 25.54 1.01 14.26
C THR C 92 24.50 0.64 13.23
N ASN C 93 23.27 1.09 13.48
CA ASN C 93 22.22 1.00 12.47
C ASN C 93 22.62 1.65 11.13
N GLU C 94 23.30 2.79 11.19
CA GLU C 94 23.82 3.45 9.99
C GLU C 94 24.80 2.55 9.23
N ASP C 95 25.70 1.90 9.97
CA ASP C 95 26.64 0.93 9.38
C ASP C 95 25.89 -0.20 8.68
N CYS C 96 24.92 -0.78 9.38
CA CYS C 96 24.07 -1.82 8.79
C CYS C 96 23.42 -1.36 7.51
N MET C 97 22.79 -0.19 7.53
CA MET C 97 22.13 0.29 6.32
C MET C 97 23.11 0.54 5.16
N ALA C 98 24.32 1.01 5.48
CA ALA C 98 25.34 1.24 4.45
C ALA C 98 25.81 -0.07 3.86
N LEU C 99 26.07 -1.06 4.71
CA LEU C 99 26.48 -2.35 4.22
C LEU C 99 25.39 -3.01 3.37
N ILE C 100 24.16 -2.98 3.85
CA ILE C 100 23.03 -3.56 3.12
C ILE C 100 22.90 -2.93 1.73
N THR C 101 23.00 -1.61 1.70
CA THR C 101 22.81 -0.86 0.46
C THR C 101 23.96 -1.10 -0.50
N GLU C 102 25.20 -0.88 -0.04
CA GLU C 102 26.33 -0.89 -0.95
C GLU C 102 26.81 -2.30 -1.32
N MET C 103 26.75 -3.24 -0.37
CA MET C 103 27.03 -4.66 -0.69
C MET C 103 25.84 -5.39 -1.27
N ARG C 104 24.68 -4.75 -1.23
CA ARG C 104 23.47 -5.33 -1.81
C ARG C 104 23.15 -6.69 -1.20
N VAL C 105 23.14 -6.75 0.13
CA VAL C 105 22.73 -7.94 0.87
C VAL C 105 21.59 -7.55 1.79
N ARG C 106 20.58 -8.38 1.88
CA ARG C 106 19.47 -8.08 2.75
C ARG C 106 19.63 -8.54 4.22
N HIS C 107 20.63 -9.38 4.46
CA HIS C 107 20.84 -9.95 5.79
C HIS C 107 22.26 -9.78 6.25
N LEU C 108 22.40 -9.50 7.54
CA LEU C 108 23.69 -9.42 8.19
C LEU C 108 23.69 -10.23 9.47
N PRO C 109 24.34 -11.40 9.46
CA PRO C 109 24.56 -12.11 10.72
C PRO C 109 25.36 -11.22 11.67
N VAL C 110 25.15 -11.39 12.97
CA VAL C 110 25.86 -10.64 13.99
C VAL C 110 26.79 -11.62 14.69
N LEU C 111 28.08 -11.33 14.66
CA LEU C 111 29.09 -12.22 15.28
C LEU C 111 29.74 -11.56 16.47
N ASP C 112 30.07 -12.38 17.46
CA ASP C 112 30.86 -11.91 18.59
C ASP C 112 31.86 -13.01 18.94
N ASP C 113 33.15 -12.68 18.91
CA ASP C 113 34.21 -13.65 19.22
C ASP C 113 34.08 -14.92 18.36
N GLY C 114 33.72 -14.73 17.09
CA GLY C 114 33.60 -15.82 16.13
C GLY C 114 32.35 -16.66 16.26
N LYS C 115 31.43 -16.22 17.12
CA LYS C 115 30.18 -16.94 17.33
C LYS C 115 28.98 -16.11 16.85
N VAL C 116 28.05 -16.77 16.16
CA VAL C 116 26.81 -16.15 15.71
C VAL C 116 25.91 -15.87 16.92
N ILE C 117 25.53 -14.61 17.10
CA ILE C 117 24.70 -14.20 18.24
C ILE C 117 23.38 -13.57 17.82
N GLY C 118 23.16 -13.44 16.53
CA GLY C 118 21.92 -12.87 16.02
C GLY C 118 21.98 -12.66 14.52
N LEU C 119 20.88 -12.16 13.98
CA LEU C 119 20.81 -11.78 12.56
C LEU C 119 19.95 -10.54 12.43
N LEU C 120 20.42 -9.58 11.64
CA LEU C 120 19.64 -8.40 11.30
C LEU C 120 19.33 -8.38 9.80
N SER C 121 18.15 -7.92 9.44
CA SER C 121 17.79 -7.83 8.02
C SER C 121 17.40 -6.40 7.65
N ILE C 122 17.30 -6.15 6.35
CA ILE C 122 16.86 -4.85 5.86
C ILE C 122 15.51 -4.45 6.48
N GLY C 123 14.60 -5.41 6.65
CA GLY C 123 13.30 -5.14 7.22
C GLY C 123 13.38 -4.71 8.67
N ASP C 124 14.31 -5.30 9.44
CA ASP C 124 14.57 -4.87 10.82
C ASP C 124 15.01 -3.42 10.87
N LEU C 125 15.87 -3.03 9.93
CA LEU C 125 16.40 -1.65 9.91
C LEU C 125 15.36 -0.62 9.54
N VAL C 126 14.51 -0.97 8.57
CA VAL C 126 13.39 -0.11 8.19
C VAL C 126 12.41 -0.02 9.36
N LYS C 127 12.10 -1.14 10.00
CA LYS C 127 11.15 -1.10 11.13
C LYS C 127 11.68 -0.23 12.26
N ASP C 128 12.98 -0.30 12.52
CA ASP C 128 13.61 0.56 13.52
C ASP C 128 13.49 2.03 13.15
N ALA C 129 13.80 2.35 11.89
CA ALA C 129 13.77 3.72 11.38
C ALA C 129 12.40 4.39 11.50
N ILE C 130 11.33 3.62 11.31
CA ILE C 130 9.97 4.17 11.35
C ILE C 130 9.32 4.12 12.75
N SER C 131 9.93 3.35 13.66
CA SER C 131 9.41 3.19 15.02
C SER C 131 10.05 4.20 15.98
N MET D 5 -6.60 8.28 24.83
CA MET D 5 -7.22 9.61 24.58
C MET D 5 -6.17 10.63 24.11
N LYS D 6 -6.45 11.31 23.00
CA LYS D 6 -5.61 12.42 22.56
C LYS D 6 -6.44 13.66 22.28
N THR D 7 -5.83 14.82 22.48
CA THR D 7 -6.51 16.09 22.25
C THR D 7 -6.52 16.40 20.76
N VAL D 8 -7.50 17.17 20.32
CA VAL D 8 -7.49 17.72 18.97
C VAL D 8 -6.23 18.55 18.70
N LYS D 9 -5.76 19.27 19.73
CA LYS D 9 -4.54 20.06 19.56
C LYS D 9 -3.37 19.14 19.19
N HIS D 10 -3.26 18.02 19.89
CA HIS D 10 -2.20 17.04 19.61
C HIS D 10 -2.31 16.52 18.19
N LEU D 11 -3.53 16.14 17.80
CA LEU D 11 -3.80 15.64 16.46
C LEU D 11 -3.42 16.65 15.38
N LEU D 12 -3.72 17.92 15.62
CA LEU D 12 -3.42 18.98 14.66
C LEU D 12 -1.92 19.27 14.58
N GLN D 13 -1.21 19.12 15.69
CA GLN D 13 0.25 19.20 15.69
C GLN D 13 0.86 18.15 14.75
N GLU D 14 0.31 16.93 14.78
CA GLU D 14 0.72 15.83 13.90
C GLU D 14 0.40 16.16 12.43
N LYS D 15 -0.82 16.64 12.20
CA LYS D 15 -1.36 16.95 10.88
C LYS D 15 -0.74 18.22 10.26
N GLY D 16 -0.56 19.25 11.09
CA GLY D 16 -0.16 20.58 10.60
C GLY D 16 -1.37 21.48 10.46
N HIS D 17 -1.14 22.79 10.42
CA HIS D 17 -2.22 23.79 10.44
C HIS D 17 -2.61 24.36 9.06
N THR D 18 -2.29 23.64 7.99
CA THR D 18 -2.69 24.05 6.65
C THR D 18 -4.22 24.07 6.57
N VAL D 19 -4.75 25.12 5.96
CA VAL D 19 -6.17 25.23 5.68
C VAL D 19 -6.29 25.59 4.21
N VAL D 20 -6.97 24.72 3.46
CA VAL D 20 -7.20 24.99 2.06
C VAL D 20 -8.67 25.39 1.88
N ALA D 21 -8.86 26.60 1.38
CA ALA D 21 -10.15 27.25 1.32
C ALA D 21 -10.55 27.62 -0.10
N ILE D 22 -11.81 28.01 -0.25
CA ILE D 22 -12.33 28.60 -1.48
C ILE D 22 -13.47 29.55 -1.12
N GLY D 23 -13.74 30.54 -1.96
CA GLY D 23 -14.85 31.45 -1.73
C GLY D 23 -16.17 30.89 -2.27
N PRO D 24 -17.31 31.32 -1.68
CA PRO D 24 -18.60 30.77 -2.09
C PRO D 24 -19.00 31.08 -3.53
N ASP D 25 -18.49 32.18 -4.07
CA ASP D 25 -18.87 32.64 -5.40
C ASP D 25 -17.96 32.09 -6.51
N ASP D 26 -16.89 31.37 -6.12
CA ASP D 26 -16.01 30.76 -7.12
C ASP D 26 -16.71 29.61 -7.82
N SER D 27 -16.19 29.19 -8.96
CA SER D 27 -16.81 28.13 -9.73
C SER D 27 -16.48 26.76 -9.15
N VAL D 28 -17.43 25.85 -9.27
CA VAL D 28 -17.22 24.43 -8.93
C VAL D 28 -16.05 23.85 -9.73
N PHE D 29 -15.93 24.22 -11.01
CA PHE D 29 -14.78 23.78 -11.79
C PHE D 29 -13.45 24.16 -11.10
N ASN D 30 -13.29 25.43 -10.73
CA ASN D 30 -12.09 25.85 -10.01
C ASN D 30 -11.88 25.11 -8.69
N ALA D 31 -12.97 24.88 -7.98
CA ALA D 31 -12.91 24.15 -6.70
C ALA D 31 -12.37 22.72 -6.88
N MET D 32 -12.92 21.99 -7.85
CA MET D 32 -12.48 20.60 -8.07
C MET D 32 -11.05 20.50 -8.60
N GLN D 33 -10.67 21.47 -9.43
CA GLN D 33 -9.27 21.58 -9.87
C GLN D 33 -8.33 21.77 -8.69
N LYS D 34 -8.75 22.60 -7.75
CA LYS D 34 -7.98 22.85 -6.55
C LYS D 34 -7.89 21.60 -5.66
N MET D 35 -8.99 20.87 -5.48
CA MET D 35 -8.91 19.60 -4.72
C MET D 35 -7.96 18.61 -5.38
N ALA D 36 -8.01 18.54 -6.71
CA ALA D 36 -7.12 17.65 -7.47
C ALA D 36 -5.66 18.02 -7.30
N ALA D 37 -5.35 19.32 -7.40
CA ALA D 37 -3.98 19.79 -7.32
C ALA D 37 -3.37 19.53 -5.94
N ASP D 38 -4.19 19.63 -4.90
CA ASP D 38 -3.74 19.49 -3.52
C ASP D 38 -3.93 18.07 -2.95
N ASN D 39 -4.56 17.20 -3.73
CA ASN D 39 -4.83 15.81 -3.32
C ASN D 39 -5.67 15.77 -2.04
N ILE D 40 -6.77 16.50 -2.04
CA ILE D 40 -7.66 16.57 -0.88
C ILE D 40 -9.11 16.38 -1.35
N GLY D 41 -10.00 16.21 -0.39
CA GLY D 41 -11.39 15.88 -0.67
C GLY D 41 -12.38 16.91 -0.16
N ALA D 42 -11.87 18.01 0.40
CA ALA D 42 -12.75 19.08 0.89
C ALA D 42 -12.08 20.43 0.74
N LEU D 43 -12.92 21.45 0.64
CA LEU D 43 -12.44 22.83 0.74
C LEU D 43 -13.29 23.56 1.76
N LEU D 44 -12.65 24.36 2.62
CA LEU D 44 -13.41 25.19 3.55
C LEU D 44 -13.93 26.39 2.77
N VAL D 45 -15.19 26.73 2.96
CA VAL D 45 -15.79 27.85 2.23
C VAL D 45 -15.95 29.00 3.22
N MET D 46 -15.15 30.05 3.01
CA MET D 46 -15.05 31.16 3.95
C MET D 46 -15.55 32.46 3.35
N LYS D 47 -16.16 33.30 4.20
CA LYS D 47 -16.42 34.70 3.91
C LYS D 47 -15.72 35.47 5.03
N ASP D 48 -14.54 36.00 4.73
CA ASP D 48 -13.66 36.53 5.77
C ASP D 48 -13.41 35.44 6.83
N GLU D 49 -13.71 35.71 8.10
CA GLU D 49 -13.48 34.68 9.11
C GLU D 49 -14.59 33.65 9.25
N LYS D 50 -15.73 33.93 8.62
CA LYS D 50 -16.92 33.11 8.81
C LYS D 50 -16.84 31.83 8.00
N LEU D 51 -17.04 30.68 8.65
CA LEU D 51 -17.12 29.42 7.93
C LEU D 51 -18.54 29.25 7.43
N VAL D 52 -18.74 29.52 6.15
CA VAL D 52 -20.09 29.47 5.58
C VAL D 52 -20.46 28.12 5.01
N GLY D 53 -19.45 27.31 4.74
CA GLY D 53 -19.72 25.97 4.26
C GLY D 53 -18.47 25.14 4.12
N ILE D 54 -18.69 23.90 3.69
CA ILE D 54 -17.60 23.02 3.30
C ILE D 54 -18.03 22.37 1.98
N LEU D 55 -17.13 22.40 1.00
CA LEU D 55 -17.38 21.69 -0.25
C LEU D 55 -16.60 20.39 -0.23
N THR D 56 -17.30 19.28 -0.43
CA THR D 56 -16.68 17.97 -0.35
C THR D 56 -16.87 17.14 -1.61
N GLU D 57 -16.04 16.11 -1.77
CA GLU D 57 -16.24 15.12 -2.82
C GLU D 57 -17.65 14.53 -2.80
N ARG D 58 -18.21 14.34 -1.61
CA ARG D 58 -19.58 13.84 -1.52
C ARG D 58 -20.62 14.83 -2.03
N ASP D 59 -20.45 16.12 -1.69
CA ASP D 59 -21.29 17.18 -2.26
C ASP D 59 -21.27 17.09 -3.78
N PHE D 60 -20.06 16.98 -4.32
CA PHE D 60 -19.94 16.96 -5.77
C PHE D 60 -20.61 15.73 -6.36
N SER D 61 -20.37 14.58 -5.74
N SER D 61 -20.38 14.59 -5.74
CA SER D 61 -20.87 13.31 -6.23
CA SER D 61 -20.86 13.31 -6.23
C SER D 61 -22.39 13.17 -6.14
C SER D 61 -22.38 13.10 -6.08
N ARG D 62 -23.00 13.81 -5.15
CA ARG D 62 -24.43 13.68 -4.92
C ARG D 62 -25.25 14.73 -5.64
N LYS D 63 -24.67 15.91 -5.83
CA LYS D 63 -25.46 17.08 -6.22
C LYS D 63 -25.17 17.62 -7.61
N SER D 64 -23.92 17.52 -8.06
CA SER D 64 -23.48 18.39 -9.15
C SER D 64 -24.20 18.12 -10.47
N TYR D 65 -24.34 16.84 -10.80
CA TYR D 65 -24.88 16.45 -12.09
C TYR D 65 -26.40 16.62 -12.15
N LEU D 66 -27.03 16.71 -10.99
CA LEU D 66 -28.49 16.88 -10.91
C LEU D 66 -28.96 18.32 -11.17
N LEU D 67 -28.04 19.28 -11.10
CA LEU D 67 -28.37 20.69 -11.31
C LEU D 67 -28.67 20.95 -12.78
N ASP D 68 -29.47 21.98 -13.02
CA ASP D 68 -29.85 22.37 -14.38
C ASP D 68 -28.85 23.40 -14.93
N LYS D 69 -27.57 23.05 -14.90
CA LYS D 69 -26.45 23.87 -15.41
C LYS D 69 -25.13 23.06 -15.41
N PRO D 70 -24.17 23.40 -16.31
CA PRO D 70 -22.85 22.75 -16.28
C PRO D 70 -21.97 23.21 -15.12
N VAL D 71 -20.94 22.43 -14.79
CA VAL D 71 -20.07 22.72 -13.63
C VAL D 71 -19.33 24.08 -13.67
N LYS D 72 -18.88 24.50 -14.86
CA LYS D 72 -18.23 25.80 -14.96
C LYS D 72 -19.20 26.96 -14.76
N ASP D 73 -20.50 26.68 -14.85
CA ASP D 73 -21.54 27.69 -14.59
C ASP D 73 -22.12 27.61 -13.19
N THR D 74 -21.61 26.68 -12.38
CA THR D 74 -22.08 26.46 -11.01
C THR D 74 -21.12 27.09 -10.03
N GLN D 75 -21.67 27.82 -9.05
CA GLN D 75 -20.87 28.38 -7.98
C GLN D 75 -20.80 27.44 -6.78
N VAL D 76 -19.66 27.50 -6.10
CA VAL D 76 -19.42 26.66 -4.93
C VAL D 76 -20.62 26.68 -3.96
N LYS D 77 -21.16 27.87 -3.69
CA LYS D 77 -22.28 28.00 -2.75
C LYS D 77 -23.52 27.19 -3.10
N GLU D 78 -23.68 26.88 -4.39
CA GLU D 78 -24.84 26.14 -4.85
C GLU D 78 -24.87 24.69 -4.35
N ILE D 79 -23.68 24.09 -4.18
CA ILE D 79 -23.61 22.67 -3.81
C ILE D 79 -22.84 22.35 -2.52
N MET D 80 -22.23 23.37 -1.92
CA MET D 80 -21.49 23.16 -0.66
C MET D 80 -22.46 22.74 0.45
N THR D 81 -21.94 22.07 1.47
CA THR D 81 -22.67 21.75 2.70
C THR D 81 -22.59 23.00 3.56
N ARG D 82 -23.74 23.61 3.85
CA ARG D 82 -23.76 24.80 4.71
C ARG D 82 -23.74 24.46 6.21
N GLN D 83 -24.27 23.30 6.56
CA GLN D 83 -24.39 22.92 7.96
C GLN D 83 -23.15 22.12 8.30
N VAL D 84 -22.15 22.79 8.86
CA VAL D 84 -20.81 22.20 9.02
C VAL D 84 -20.45 21.84 10.46
N ALA D 85 -20.42 20.55 10.76
CA ALA D 85 -19.98 20.08 12.07
C ALA D 85 -18.48 20.40 12.20
N TYR D 86 -18.08 20.85 13.39
CA TYR D 86 -16.67 21.14 13.61
C TYR D 86 -16.24 20.80 15.03
N VAL D 87 -14.92 20.72 15.21
CA VAL D 87 -14.35 20.45 16.53
C VAL D 87 -13.49 21.61 16.93
N ASP D 88 -13.15 21.67 18.21
CA ASP D 88 -12.28 22.74 18.66
C ASP D 88 -11.26 22.15 19.61
N LEU D 89 -10.51 23.02 20.27
CA LEU D 89 -9.43 22.54 21.12
C LEU D 89 -9.92 21.96 22.46
N ASN D 90 -11.23 21.99 22.69
CA ASN D 90 -11.79 21.27 23.84
C ASN D 90 -12.17 19.83 23.46
N ASN D 91 -11.95 19.44 22.21
CA ASN D 91 -12.31 18.11 21.75
C ASN D 91 -11.16 17.10 21.79
N THR D 92 -11.53 15.84 21.68
CA THR D 92 -10.60 14.71 21.72
C THR D 92 -10.73 13.88 20.44
N ASN D 93 -9.78 12.97 20.21
CA ASN D 93 -9.89 11.99 19.12
C ASN D 93 -11.17 11.13 19.19
N GLU D 94 -11.60 10.81 20.41
CA GLU D 94 -12.84 10.05 20.61
C GLU D 94 -14.03 10.83 20.06
N ASP D 95 -14.10 12.11 20.41
CA ASP D 95 -15.18 12.99 19.92
C ASP D 95 -15.15 12.99 18.40
N CYS D 96 -13.96 13.12 17.81
CA CYS D 96 -13.83 13.19 16.36
C CYS D 96 -14.33 11.92 15.68
N MET D 97 -13.88 10.77 16.17
CA MET D 97 -14.28 9.52 15.55
N ALA D 98 -16.33 9.65 16.84
CA ALA D 98 -17.77 9.49 17.06
C ALA D 98 -18.57 10.40 16.12
N LEU D 99 -18.13 11.63 15.97
CA LEU D 99 -18.85 12.60 15.14
C LEU D 99 -18.78 12.21 13.66
N ILE D 100 -17.59 11.82 13.22
CA ILE D 100 -17.40 11.35 11.85
C ILE D 100 -18.33 10.18 11.54
N THR D 101 -18.38 9.23 12.48
CA THR D 101 -19.18 8.01 12.32
C THR D 101 -20.69 8.30 12.38
N GLU D 102 -21.09 9.04 13.39
CA GLU D 102 -22.52 9.28 13.63
C GLU D 102 -23.12 10.20 12.57
N MET D 103 -22.40 11.25 12.21
CA MET D 103 -22.92 12.23 11.26
C MET D 103 -22.55 11.93 9.79
N ARG D 104 -21.74 10.91 9.59
CA ARG D 104 -21.30 10.48 8.26
C ARG D 104 -20.62 11.61 7.47
N VAL D 105 -19.74 12.32 8.16
CA VAL D 105 -18.90 13.35 7.54
C VAL D 105 -17.46 12.92 7.66
N ARG D 106 -16.70 13.08 6.59
CA ARG D 106 -15.30 12.65 6.60
C ARG D 106 -14.32 13.76 7.01
N HIS D 107 -14.79 15.01 7.10
CA HIS D 107 -13.95 16.15 7.44
C HIS D 107 -14.50 16.95 8.59
N LEU D 108 -13.60 17.40 9.47
CA LEU D 108 -13.93 18.27 10.59
C LEU D 108 -13.00 19.47 10.64
N PRO D 109 -13.50 20.66 10.28
CA PRO D 109 -12.75 21.86 10.53
C PRO D 109 -12.44 21.95 12.04
N VAL D 110 -11.27 22.47 12.36
CA VAL D 110 -10.86 22.73 13.74
C VAL D 110 -10.87 24.23 13.94
N LEU D 111 -11.63 24.65 14.96
CA LEU D 111 -11.69 26.06 15.36
C LEU D 111 -11.02 26.33 16.69
N ASP D 112 -10.50 27.53 16.86
CA ASP D 112 -10.03 27.98 18.17
C ASP D 112 -10.42 29.41 18.34
N ASP D 113 -11.17 29.67 19.42
CA ASP D 113 -11.70 31.00 19.71
C ASP D 113 -12.36 31.61 18.47
N GLY D 114 -13.12 30.79 17.74
CA GLY D 114 -13.90 31.26 16.60
C GLY D 114 -13.20 31.39 15.26
N LYS D 115 -11.94 30.96 15.20
CA LYS D 115 -11.17 31.05 13.95
C LYS D 115 -10.81 29.65 13.47
N VAL D 116 -10.94 29.41 12.17
CA VAL D 116 -10.55 28.13 11.59
C VAL D 116 -9.03 28.03 11.60
N ILE D 117 -8.51 27.01 12.28
CA ILE D 117 -7.07 26.86 12.41
C ILE D 117 -6.53 25.60 11.76
N GLY D 118 -7.43 24.74 11.30
CA GLY D 118 -7.02 23.52 10.61
C GLY D 118 -8.20 22.66 10.20
N LEU D 119 -7.89 21.43 9.80
CA LEU D 119 -8.93 20.50 9.42
C LEU D 119 -8.40 19.11 9.71
N LEU D 120 -9.25 18.29 10.31
CA LEU D 120 -8.99 16.87 10.54
C LEU D 120 -9.95 16.01 9.76
N SER D 121 -9.44 14.97 9.13
CA SER D 121 -10.29 14.07 8.37
C SER D 121 -10.28 12.66 8.93
N ILE D 122 -11.20 11.84 8.44
CA ILE D 122 -11.26 10.43 8.84
C ILE D 122 -9.89 9.73 8.65
N GLY D 123 -9.22 10.00 7.52
CA GLY D 123 -7.87 9.51 7.28
C GLY D 123 -6.83 9.91 8.32
N ASP D 124 -6.92 11.14 8.84
CA ASP D 124 -6.02 11.58 9.91
C ASP D 124 -6.23 10.76 11.19
N LEU D 125 -7.50 10.49 11.51
CA LEU D 125 -7.82 9.76 12.75
C LEU D 125 -7.36 8.32 12.65
N VAL D 126 -7.54 7.73 11.48
CA VAL D 126 -7.11 6.35 11.25
C VAL D 126 -5.59 6.27 11.28
N LYS D 127 -4.92 7.25 10.66
CA LYS D 127 -3.47 7.26 10.66
C LYS D 127 -2.91 7.36 12.09
N ASP D 128 -3.51 8.24 12.90
CA ASP D 128 -3.12 8.38 14.32
C ASP D 128 -3.32 7.06 15.09
N ALA D 129 -4.41 6.35 14.79
CA ALA D 129 -4.72 5.07 15.45
C ALA D 129 -3.70 3.97 15.17
N ILE D 130 -3.03 4.02 14.02
CA ILE D 130 -2.02 3.02 13.68
C ILE D 130 -0.58 3.51 13.89
N SER D 131 -0.44 4.67 14.54
CA SER D 131 0.88 5.28 14.76
C SER D 131 1.63 4.68 15.95
BR BR E . -13.60 7.40 -2.52
BR BR F . -14.29 -3.28 -19.16
BR BR G . -25.87 -4.67 -7.10
BR BR H . -10.67 6.39 -2.46
BR BR I . -21.93 -3.82 -18.76
BR BR J . -28.45 7.10 -18.38
BR BR K . -6.24 2.37 -12.16
BR BR L . -25.61 -9.41 5.14
PA NAD M . -18.78 4.76 2.06
O1A NAD M . -18.49 4.22 0.72
O2A NAD M . -19.82 5.80 2.10
O5B NAD M . -19.13 3.54 3.07
C5B NAD M . -20.38 3.48 3.74
C4B NAD M . -20.75 2.01 3.96
O4B NAD M . -21.08 1.44 2.70
C3B NAD M . -19.65 1.13 4.55
O3B NAD M . -20.24 0.21 5.45
C2B NAD M . -19.09 0.39 3.34
O2B NAD M . -18.58 -0.90 3.58
C1B NAD M . -20.31 0.28 2.46
N9A NAD M . -20.04 0.20 1.04
C8A NAD M . -19.47 1.16 0.22
N7A NAD M . -19.45 0.70 -1.05
C5A NAD M . -19.99 -0.54 -1.07
C6A NAD M . -20.20 -1.45 -2.10
N6A NAD M . -20.01 -1.14 -3.37
N1A NAD M . -20.76 -2.69 -1.77
C2A NAD M . -21.15 -2.97 -0.47
N3A NAD M . -20.94 -2.06 0.54
C4A NAD M . -20.38 -0.86 0.24
O3 NAD M . -17.36 5.33 2.58
PN NAD M . -16.87 5.73 4.07
O1N NAD M . -15.86 6.75 3.79
O2N NAD M . -16.46 4.49 4.77
O5D NAD M . -18.17 6.25 4.84
C5D NAD M . -18.70 7.53 4.60
C4D NAD M . -19.07 8.20 5.93
O4D NAD M . -19.99 7.36 6.63
C3D NAD M . -17.88 8.42 6.87
O3D NAD M . -18.08 9.62 7.58
C2D NAD M . -17.95 7.22 7.80
O2D NAD M . -17.37 7.46 9.06
C1D NAD M . -19.46 7.00 7.88
N1N NAD M . -19.85 5.61 8.19
C2N NAD M . -20.64 5.44 9.28
C3N NAD M . -21.03 4.15 9.64
C7N NAD M . -22.15 4.01 10.62
O7N NAD M . -22.68 2.73 10.84
N7N NAD M . -22.59 5.10 11.27
C4N NAD M . -20.63 3.05 8.88
C5N NAD M . -19.81 3.24 7.76
C6N NAD M . -19.43 4.54 7.42
BR BR N . 10.69 -10.32 -2.86
BR BR O . -1.88 -13.37 -4.22
BR BR P . -3.23 -13.49 -16.64
BR BR Q . 19.00 7.99 -3.19
BR BR R . 11.02 1.12 -18.91
PA NAD S . 15.44 -5.51 -5.74
O1A NAD S . 14.24 -6.03 -6.41
O2A NAD S . 16.68 -6.32 -6.00
O5B NAD S . 15.66 -3.98 -6.12
C5B NAD S . 16.88 -3.51 -6.65
C4B NAD S . 16.62 -2.26 -7.49
O4B NAD S . 15.89 -2.68 -8.63
C3B NAD S . 15.75 -1.18 -6.85
O3B NAD S . 16.23 0.09 -7.30
C2B NAD S . 14.35 -1.47 -7.38
O2B NAD S . 13.49 -0.36 -7.45
C1B NAD S . 14.67 -1.98 -8.77
N9A NAD S . 13.64 -2.88 -9.32
C8A NAD S . 13.32 -4.13 -8.84
N7A NAD S . 12.36 -4.66 -9.65
C5A NAD S . 12.07 -3.75 -10.61
C6A NAD S . 11.20 -3.77 -11.69
N6A NAD S . 10.51 -4.89 -12.00
N1A NAD S . 11.15 -2.66 -12.53
C2A NAD S . 11.96 -1.56 -12.32
N3A NAD S . 12.83 -1.54 -11.26
C4A NAD S . 12.89 -2.63 -10.42
O3 NAD S . 15.04 -5.45 -4.19
PN NAD S . 15.78 -4.82 -2.92
O1N NAD S . 15.55 -5.70 -1.79
O2N NAD S . 15.34 -3.42 -2.77
O5D NAD S . 17.33 -4.74 -3.33
C5D NAD S . 18.18 -5.87 -3.14
C4D NAD S . 19.49 -5.42 -2.48
O4D NAD S . 20.08 -4.32 -3.17
C3D NAD S . 19.30 -4.95 -1.04
O3D NAD S . 20.42 -5.32 -0.25
C2D NAD S . 19.19 -3.46 -1.19
O2D NAD S . 19.54 -2.79 0.00
C1D NAD S . 20.19 -3.20 -2.31
N1N NAD S . 19.97 -1.99 -3.11
C2N NAD S . 21.08 -1.24 -3.39
C3N NAD S . 20.99 -0.09 -4.16
C7N NAD S . 22.25 0.56 -4.66
O7N NAD S . 22.13 1.41 -5.75
N7N NAD S . 23.43 0.32 -4.07
C4N NAD S . 19.73 0.29 -4.67
C5N NAD S . 18.60 -0.50 -4.39
C6N NAD S . 18.74 -1.65 -3.63
BR BR T . 17.72 -12.35 0.00
BR BR U . 29.74 -28.75 -3.42
BR BR V . 25.23 -30.93 7.48
BR BR W . 30.07 -16.36 -2.05
BR BR X . 10.26 -26.76 8.54
BR BR Y . 30.72 -26.59 3.72
BR BR Z . 17.63 -23.54 13.73
BR BR AA . 15.19 -36.47 -5.89
BR BR BA . 27.34 -36.08 -2.04
BR BR CA . 14.68 -33.65 0.78
BR BR DA . 28.22 -2.98 22.60
BR BR EA . 33.83 -12.30 15.31
BR BR FA . 29.99 -18.49 -2.96
PA NAD GA . 13.37 -11.58 5.95
O1A NAD GA . 14.49 -12.53 5.86
O2A NAD GA . 12.05 -12.10 5.53
O5B NAD GA . 13.28 -11.02 7.45
C5B NAD GA . 12.10 -11.12 8.24
C4B NAD GA . 12.49 -11.26 9.72
O4B NAD GA . 13.09 -12.53 9.91
C3B NAD GA . 13.48 -10.21 10.20
O3B NAD GA . 13.06 -9.80 11.49
C2B NAD GA . 14.80 -10.95 10.22
O2B NAD GA . 15.76 -10.47 11.15
C1B NAD GA . 14.36 -12.38 10.53
N9A NAD GA . 15.25 -13.41 9.98
C8A NAD GA . 15.49 -13.70 8.65
N7A NAD GA . 16.34 -14.74 8.58
C5A NAD GA . 16.66 -15.10 9.85
C6A NAD GA . 17.48 -16.08 10.36
N6A NAD GA . 18.03 -17.00 9.57
N1A NAD GA . 17.61 -16.20 11.74
C2A NAD GA . 16.91 -15.36 12.58
N3A NAD GA . 16.08 -14.39 12.08
C4A NAD GA . 15.97 -14.26 10.72
O3 NAD GA . 13.84 -10.34 5.08
PN NAD GA . 13.30 -8.83 5.04
O1N NAD GA . 13.49 -8.37 3.64
O2N NAD GA . 13.98 -8.09 6.13
O5D NAD GA . 11.75 -8.93 5.45
C5D NAD GA . 10.79 -9.36 4.50
C4D NAD GA . 9.60 -8.39 4.53
O4D NAD GA . 9.04 -8.33 5.83
C3D NAD GA . 9.91 -6.95 4.09
O3D NAD GA . 8.78 -6.42 3.43
C2D NAD GA . 10.09 -6.25 5.42
O2D NAD GA . 9.83 -4.87 5.38
C1D NAD GA . 9.08 -6.98 6.30
N1N NAD GA . 9.44 -6.98 7.73
C2N NAD GA . 8.48 -6.58 8.62
C3N NAD GA . 8.72 -6.56 9.99
C7N NAD GA . 7.56 -6.33 10.91
O7N NAD GA . 7.68 -6.62 12.27
N7N NAD GA . 6.41 -5.86 10.43
C4N NAD GA . 9.98 -6.98 10.46
C5N NAD GA . 10.96 -7.41 9.55
C6N NAD GA . 10.67 -7.42 8.19
BR BR HA . -16.29 13.61 1.36
BR BR IA . -22.61 32.16 0.94
BR BR JA . -26.37 21.72 4.19
BR BR KA . -17.23 34.47 12.16
BR BR LA . -28.57 29.64 -12.93
BR BR MA . -27.95 21.14 -4.58
BR BR NA . -6.24 28.23 0.25
BR BR OA . -16.10 34.47 -3.24
BR BR PA . -2.67 14.31 23.85
BR BR QA . -7.91 35.37 9.88
BR BR RA . -22.97 4.49 14.93
BR BR SA . -11.09 26.20 21.28
BR BR TA . -20.12 15.41 2.95
PA NAD UA . -9.00 13.75 2.32
O1A NAD UA . -9.84 14.98 2.18
O2A NAD UA . -8.45 13.27 1.03
O5B NAD UA . -7.82 14.01 3.38
C5B NAD UA . -6.46 13.88 2.98
C4B NAD UA . -5.61 14.81 3.85
O4B NAD UA . -5.83 16.15 3.48
C3B NAD UA . -5.94 14.73 5.35
O3B NAD UA . -4.73 14.88 6.08
C2B NAD UA . -6.85 15.94 5.58
O2B NAD UA . -6.80 16.57 6.84
C1B NAD UA . -6.29 16.93 4.59
N9A NAD UA . -7.30 17.90 4.12
C8A NAD UA . -8.43 17.62 3.40
N7A NAD UA . -9.06 18.78 3.13
C5A NAD UA . -8.36 19.81 3.66
C6A NAD UA . -8.54 21.18 3.66
N6A NAD UA . -9.53 21.75 2.97
N1A NAD UA . -7.59 21.95 4.29
C2A NAD UA . -6.49 21.40 4.91
N3A NAD UA . -6.31 20.05 4.90
C4A NAD UA . -7.22 19.26 4.27
O3 NAD UA . -9.94 12.68 3.05
PN NAD UA . -9.52 11.25 3.72
O1N NAD UA . -10.69 10.38 3.44
O2N NAD UA . -9.18 11.48 5.14
O5D NAD UA . -8.21 10.82 2.94
C5D NAD UA . -8.23 10.18 1.66
C4D NAD UA . -7.37 8.91 1.71
O4D NAD UA . -6.04 9.20 2.15
C3D NAD UA . -7.91 7.84 2.65
O3D NAD UA . -7.64 6.55 2.10
C2D NAD UA . -7.09 8.04 3.91
O2D NAD UA . -7.03 6.88 4.72
C1D NAD UA . -5.75 8.47 3.33
N1N NAD UA . -4.95 9.32 4.23
C2N NAD UA . -3.63 8.97 4.36
C3N NAD UA . -2.79 9.72 5.17
C7N NAD UA . -1.33 9.38 5.22
O7N NAD UA . -0.48 10.32 5.76
N7N NAD UA . -0.85 8.23 4.74
C4N NAD UA . -3.31 10.85 5.84
C5N NAD UA . -4.65 11.18 5.69
C6N NAD UA . -5.47 10.41 4.86
#